data_6N22
#
_entry.id   6N22
#
_cell.length_a   99.616
_cell.length_b   99.616
_cell.length_c   58.560
_cell.angle_alpha   90.00
_cell.angle_beta   90.00
_cell.angle_gamma   120.00
#
_symmetry.space_group_name_H-M   'P 64'
#
loop_
_entity.id
_entity.type
_entity.pdbx_description
1 polymer Protocadherin-15
2 non-polymer 'CALCIUM ION'
3 water water
#
_entity_poly.entity_id   1
_entity_poly.type   'polypeptide(L)'
_entity_poly.pdbx_seq_one_letter_code
;QYDDDWQYEDCKLARGGPPATIVAIDEESRNGTILVDNMLIKGTAGGPDPTIELSLKDNVDYWVLLDPVKQMLFLNSTGR
VLDRDPPMNIHSIVVQVQCVNKKVGTVIYHEVRIVVRDRNDNSPTFKHESYYATVNELTPVGTTIFTGFSGDNGATDIDD
GPNGQIEYVIQYNPEDPTSNDTFEIPLMLTGNVVLRKRLNYEDKTRYYVIIQANDRAQNLNERRTTTTTLTVDVLDGDDG
LNDIFEAQKIEWHELEHHHHHH
;
_entity_poly.pdbx_strand_id   A
#
loop_
_chem_comp.id
_chem_comp.type
_chem_comp.name
_chem_comp.formula
CA non-polymer 'CALCIUM ION' 'Ca 2'
#
# COMPACT_ATOMS: atom_id res chain seq x y z
N TRP A 6 -36.71 16.69 29.91
CA TRP A 6 -36.25 17.31 28.63
C TRP A 6 -34.90 18.01 28.85
N GLN A 7 -34.01 17.90 27.85
CA GLN A 7 -32.81 18.77 27.65
C GLN A 7 -32.82 19.19 26.16
N TYR A 8 -32.52 20.46 25.86
CA TYR A 8 -32.36 20.98 24.46
C TYR A 8 -30.91 20.75 23.97
N GLU A 9 -30.73 19.74 23.11
CA GLU A 9 -29.42 19.10 22.85
C GLU A 9 -29.08 19.13 21.35
N ASP A 10 -29.56 20.11 20.59
CA ASP A 10 -29.04 20.43 19.23
C ASP A 10 -27.51 20.59 19.34
N CYS A 11 -26.77 19.98 18.42
CA CYS A 11 -25.28 19.98 18.38
C CYS A 11 -24.69 18.78 19.13
N LYS A 12 -25.48 18.03 19.89
CA LYS A 12 -25.10 16.70 20.44
C LYS A 12 -25.26 15.64 19.34
N LEU A 13 -24.45 14.58 19.37
CA LEU A 13 -24.65 13.36 18.53
C LEU A 13 -25.95 12.61 18.92
N ALA A 14 -26.82 12.37 17.94
CA ALA A 14 -27.92 11.38 17.99
C ALA A 14 -27.37 9.94 17.86
N ARG A 15 -26.41 9.57 18.70
CA ARG A 15 -25.83 8.20 18.72
C ARG A 15 -24.97 8.07 19.99
N GLY A 16 -24.85 6.84 20.47
CA GLY A 16 -23.83 6.46 21.46
C GLY A 16 -22.59 6.04 20.71
N GLY A 17 -21.72 5.30 21.38
CA GLY A 17 -20.35 5.09 20.92
C GLY A 17 -19.51 6.27 21.38
N PRO A 18 -18.21 6.24 21.11
CA PRO A 18 -17.32 7.31 21.58
C PRO A 18 -17.56 8.60 20.79
N PRO A 19 -17.08 9.73 21.35
CA PRO A 19 -17.32 11.04 20.72
C PRO A 19 -16.72 11.13 19.30
N ALA A 20 -15.56 10.52 19.05
CA ALA A 20 -14.92 10.57 17.71
C ALA A 20 -15.67 9.62 16.76
N THR A 21 -15.83 10.04 15.50
CA THR A 21 -16.40 9.29 14.34
C THR A 21 -15.22 8.77 13.53
N ILE A 22 -14.98 7.45 13.54
CA ILE A 22 -13.78 6.83 12.92
C ILE A 22 -14.23 6.08 11.67
N VAL A 23 -13.69 6.45 10.51
CA VAL A 23 -13.96 5.75 9.22
C VAL A 23 -12.65 5.38 8.49
N ALA A 24 -12.75 4.51 7.50
CA ALA A 24 -11.62 4.05 6.66
C ALA A 24 -11.95 4.27 5.19
N ILE A 25 -11.02 4.84 4.44
CA ILE A 25 -11.04 4.74 2.97
C ILE A 25 -9.70 4.22 2.44
N ASP A 26 -9.77 3.60 1.28
CA ASP A 26 -8.60 3.28 0.43
C ASP A 26 -7.98 4.58 -0.09
N GLU A 27 -6.65 4.61 -0.05
CA GLU A 27 -5.81 5.56 -0.82
C GLU A 27 -6.28 5.50 -2.26
N GLU A 28 -6.18 6.64 -2.93
CA GLU A 28 -6.45 6.87 -4.38
C GLU A 28 -7.96 6.74 -4.67
N SER A 29 -8.79 6.88 -3.64
CA SER A 29 -10.26 7.02 -3.77
C SER A 29 -10.59 8.25 -4.64
N ARG A 30 -11.57 8.13 -5.53
CA ARG A 30 -11.95 9.19 -6.49
C ARG A 30 -12.47 10.42 -5.72
N ASN A 31 -12.29 11.60 -6.30
CA ASN A 31 -12.98 12.83 -5.85
C ASN A 31 -14.47 12.53 -5.59
N GLY A 32 -14.98 13.05 -4.48
CA GLY A 32 -16.40 12.98 -4.13
C GLY A 32 -16.73 11.69 -3.41
N THR A 33 -15.73 10.87 -3.06
CA THR A 33 -15.96 9.66 -2.24
C THR A 33 -16.59 10.11 -0.91
N ILE A 34 -17.68 9.48 -0.53
CA ILE A 34 -18.37 9.75 0.76
C ILE A 34 -17.53 9.17 1.90
N LEU A 35 -17.10 10.00 2.86
CA LEU A 35 -16.35 9.58 4.05
C LEU A 35 -17.36 9.28 5.16
N VAL A 36 -18.42 10.07 5.29
CA VAL A 36 -19.44 9.92 6.36
C VAL A 36 -20.78 10.19 5.72
N ASP A 37 -21.67 9.21 5.72
CA ASP A 37 -23.00 9.30 5.05
C ASP A 37 -23.78 10.42 5.75
N ASN A 38 -23.75 10.41 7.07
CA ASN A 38 -24.58 11.25 7.95
C ASN A 38 -23.87 11.37 9.31
N MET A 39 -23.43 12.57 9.69
CA MET A 39 -22.72 12.80 10.99
C MET A 39 -23.65 12.56 12.18
N LEU A 40 -24.97 12.57 12.00
CA LEU A 40 -25.97 12.31 13.07
C LEU A 40 -25.80 13.36 14.18
N ILE A 41 -25.58 14.61 13.81
CA ILE A 41 -25.64 15.76 14.77
C ILE A 41 -27.11 16.19 14.87
N LYS A 42 -27.71 16.13 16.06
CA LYS A 42 -29.06 16.70 16.34
C LYS A 42 -29.09 18.16 15.89
N GLY A 43 -30.10 18.50 15.10
CA GLY A 43 -30.43 19.86 14.66
C GLY A 43 -30.52 19.88 13.14
N THR A 44 -30.92 21.00 12.57
CA THR A 44 -31.11 21.12 11.11
C THR A 44 -30.22 22.27 10.61
N ALA A 45 -29.19 21.96 9.82
CA ALA A 45 -28.26 22.99 9.29
C ALA A 45 -28.83 23.64 8.03
N GLY A 46 -29.71 22.95 7.28
CA GLY A 46 -30.29 23.50 6.03
C GLY A 46 -31.62 24.20 6.23
N GLY A 47 -32.17 24.76 5.14
CA GLY A 47 -33.60 25.10 5.00
C GLY A 47 -33.94 26.53 5.44
N PRO A 48 -35.25 26.84 5.61
CA PRO A 48 -35.69 28.18 6.03
C PRO A 48 -35.07 28.72 7.33
N ASP A 49 -35.21 28.02 8.48
CA ASP A 49 -34.69 28.44 9.82
C ASP A 49 -33.78 27.37 10.42
N PRO A 50 -32.47 27.34 10.07
CA PRO A 50 -31.58 26.35 10.65
C PRO A 50 -31.45 26.57 12.16
N THR A 51 -31.42 25.48 12.93
CA THR A 51 -31.14 25.49 14.40
C THR A 51 -29.62 25.45 14.63
N ILE A 52 -28.82 24.97 13.67
CA ILE A 52 -27.37 24.77 13.86
C ILE A 52 -26.62 25.36 12.67
N GLU A 53 -25.36 25.72 12.87
CA GLU A 53 -24.38 26.10 11.84
C GLU A 53 -23.28 25.05 11.92
N LEU A 54 -22.97 24.38 10.82
CA LEU A 54 -21.93 23.32 10.75
C LEU A 54 -20.79 23.83 9.89
N SER A 55 -19.55 23.59 10.30
CA SER A 55 -18.35 24.00 9.55
C SER A 55 -17.21 23.04 9.89
N LEU A 56 -16.11 23.09 9.15
CA LEU A 56 -14.93 22.21 9.32
C LEU A 56 -13.79 23.03 9.90
N LYS A 57 -13.18 22.56 10.97
CA LYS A 57 -11.95 23.16 11.54
C LYS A 57 -10.81 22.18 11.33
N ASP A 58 -9.58 22.70 11.31
CA ASP A 58 -8.35 21.88 11.29
C ASP A 58 -8.43 21.01 10.04
N ASN A 59 -8.86 21.61 8.94
CA ASN A 59 -9.07 20.96 7.63
C ASN A 59 -7.86 21.27 6.76
N VAL A 60 -6.72 20.74 7.18
CA VAL A 60 -5.38 20.93 6.55
C VAL A 60 -5.47 20.50 5.08
N ASP A 61 -5.29 21.43 4.16
CA ASP A 61 -5.20 21.16 2.70
C ASP A 61 -6.58 20.81 2.13
N TYR A 62 -7.68 21.08 2.85
CA TYR A 62 -9.06 21.00 2.33
C TYR A 62 -9.33 19.61 1.72
N TRP A 63 -8.84 18.56 2.38
CA TRP A 63 -9.06 17.16 1.94
C TRP A 63 -10.53 16.79 2.16
N VAL A 64 -11.22 17.48 3.04
CA VAL A 64 -12.62 17.13 3.37
C VAL A 64 -13.57 18.27 3.07
N LEU A 65 -14.77 17.94 2.58
CA LEU A 65 -15.84 18.92 2.33
C LEU A 65 -17.13 18.43 2.97
N LEU A 66 -17.89 19.37 3.51
CA LEU A 66 -19.14 19.14 4.26
C LEU A 66 -20.32 19.64 3.42
N ASP A 67 -21.34 18.81 3.20
CA ASP A 67 -22.71 19.28 2.82
C ASP A 67 -23.49 19.38 4.13
N PRO A 68 -23.73 20.61 4.65
CA PRO A 68 -24.31 20.73 5.99
C PRO A 68 -25.78 20.30 6.08
N VAL A 69 -26.55 20.42 5.01
CA VAL A 69 -27.97 19.95 4.92
C VAL A 69 -28.07 18.43 5.19
N LYS A 70 -27.20 17.62 4.61
CA LYS A 70 -27.29 16.14 4.76
C LYS A 70 -26.31 15.65 5.81
N GLN A 71 -25.41 16.53 6.26
CA GLN A 71 -24.33 16.23 7.23
C GLN A 71 -23.48 15.11 6.62
N MET A 72 -23.15 15.30 5.35
CA MET A 72 -22.30 14.41 4.55
C MET A 72 -20.91 15.03 4.41
N LEU A 73 -19.88 14.23 4.63
CA LEU A 73 -18.46 14.57 4.43
C LEU A 73 -17.98 13.88 3.17
N PHE A 74 -17.30 14.61 2.30
CA PHE A 74 -16.77 14.12 0.99
C PHE A 74 -15.25 14.32 0.97
N LEU A 75 -14.56 13.41 0.29
CA LEU A 75 -13.14 13.55 -0.07
C LEU A 75 -13.00 14.54 -1.23
N ASN A 76 -12.23 15.60 -1.01
CA ASN A 76 -11.92 16.63 -2.02
C ASN A 76 -10.56 16.35 -2.66
N SER A 77 -10.50 15.56 -3.74
CA SER A 77 -9.19 15.26 -4.39
C SER A 77 -9.19 15.57 -5.89
N THR A 78 -9.96 16.53 -6.35
CA THR A 78 -9.83 17.01 -7.76
C THR A 78 -8.38 17.46 -7.98
N GLY A 79 -7.68 16.86 -8.96
CA GLY A 79 -6.34 17.27 -9.42
C GLY A 79 -5.21 16.86 -8.48
N ARG A 80 -5.51 15.97 -7.53
CA ARG A 80 -4.46 15.37 -6.67
C ARG A 80 -4.89 13.93 -6.41
N VAL A 81 -4.02 13.20 -5.74
CA VAL A 81 -4.18 11.77 -5.37
C VAL A 81 -4.04 11.68 -3.85
N LEU A 82 -4.98 11.00 -3.20
CA LEU A 82 -4.84 10.65 -1.78
C LEU A 82 -3.89 9.45 -1.69
N ASP A 83 -2.58 9.70 -1.56
CA ASP A 83 -1.55 8.65 -1.67
C ASP A 83 -0.96 8.32 -0.28
N ARG A 84 -1.03 7.05 0.12
CA ARG A 84 -0.52 6.58 1.43
C ARG A 84 0.97 6.22 1.34
N ASP A 85 1.47 5.99 0.13
CA ASP A 85 2.86 5.51 -0.07
C ASP A 85 3.78 6.71 -0.19
N PRO A 86 5.11 6.50 -0.02
CA PRO A 86 6.09 7.54 -0.32
C PRO A 86 5.90 8.07 -1.74
N PRO A 87 6.16 9.37 -1.99
CA PRO A 87 6.61 10.31 -0.95
C PRO A 87 5.52 11.07 -0.16
N MET A 88 4.24 10.89 -0.45
CA MET A 88 3.15 11.69 0.18
C MET A 88 2.84 11.21 1.61
N ASN A 89 2.84 9.89 1.87
CA ASN A 89 2.78 9.25 3.21
C ASN A 89 1.58 9.73 4.06
N ILE A 90 0.43 9.96 3.45
CA ILE A 90 -0.81 10.28 4.22
C ILE A 90 -1.46 9.00 4.74
N HIS A 91 -1.30 8.73 6.04
CA HIS A 91 -1.89 7.56 6.74
C HIS A 91 -3.26 7.85 7.37
N SER A 92 -3.54 9.10 7.75
CA SER A 92 -4.89 9.49 8.21
C SER A 92 -5.15 10.99 7.98
N ILE A 93 -6.39 11.41 8.22
CA ILE A 93 -6.91 12.77 8.09
C ILE A 93 -7.78 13.00 9.31
N VAL A 94 -7.48 14.03 10.10
CA VAL A 94 -8.28 14.43 11.29
C VAL A 94 -8.80 15.84 11.05
N VAL A 95 -10.12 15.98 11.13
CA VAL A 95 -10.83 17.27 11.01
C VAL A 95 -11.84 17.35 12.16
N GLN A 96 -12.25 18.57 12.47
CA GLN A 96 -13.20 18.85 13.56
C GLN A 96 -14.43 19.36 12.84
N VAL A 97 -15.59 18.75 13.06
CA VAL A 97 -16.87 19.34 12.62
C VAL A 97 -17.33 20.25 13.75
N GLN A 98 -17.26 21.57 13.54
CA GLN A 98 -17.77 22.57 14.50
C GLN A 98 -19.29 22.67 14.35
N CYS A 99 -20.01 22.53 15.46
CA CYS A 99 -21.47 22.77 15.53
C CYS A 99 -21.76 23.95 16.46
N VAL A 100 -22.39 24.97 15.93
CA VAL A 100 -22.90 26.12 16.69
C VAL A 100 -24.41 25.98 16.82
N ASN A 101 -24.92 26.07 18.04
CA ASN A 101 -26.38 26.09 18.38
C ASN A 101 -26.80 27.57 18.34
N LYS A 102 -27.49 27.96 17.30
CA LYS A 102 -27.83 29.38 17.03
C LYS A 102 -28.66 29.97 18.18
N LYS A 103 -29.60 29.20 18.72
CA LYS A 103 -30.53 29.63 19.80
C LYS A 103 -29.78 29.97 21.10
N VAL A 104 -28.75 29.21 21.49
CA VAL A 104 -28.11 29.37 22.82
C VAL A 104 -26.69 29.95 22.69
N GLY A 105 -26.10 30.09 21.49
CA GLY A 105 -24.74 30.61 21.26
C GLY A 105 -23.63 29.66 21.73
N THR A 106 -23.86 28.36 21.69
CA THR A 106 -22.84 27.39 22.17
C THR A 106 -22.17 26.76 20.97
N VAL A 107 -20.95 26.32 21.18
CA VAL A 107 -20.11 25.68 20.15
C VAL A 107 -19.52 24.42 20.76
N ILE A 108 -19.35 23.41 19.92
CA ILE A 108 -18.73 22.10 20.24
C ILE A 108 -18.04 21.61 18.96
N TYR A 109 -16.92 20.91 19.10
CA TYR A 109 -16.23 20.14 18.03
C TYR A 109 -16.65 18.68 18.12
N HIS A 110 -16.95 18.04 16.99
CA HIS A 110 -17.01 16.57 16.89
C HIS A 110 -15.91 16.11 15.94
N GLU A 111 -14.96 15.34 16.46
CA GLU A 111 -13.78 14.85 15.71
C GLU A 111 -14.19 13.76 14.72
N VAL A 112 -13.52 13.75 13.60
CA VAL A 112 -13.64 12.76 12.49
C VAL A 112 -12.25 12.29 12.11
N ARG A 113 -11.93 11.04 12.45
CA ARG A 113 -10.66 10.37 12.10
CA ARG A 113 -10.67 10.35 12.12
C ARG A 113 -10.93 9.51 10.86
N ILE A 114 -10.28 9.85 9.76
CA ILE A 114 -10.26 9.05 8.51
C ILE A 114 -8.92 8.32 8.44
N VAL A 115 -8.97 7.01 8.41
CA VAL A 115 -7.78 6.11 8.32
C VAL A 115 -7.62 5.80 6.83
N VAL A 116 -6.44 6.04 6.29
CA VAL A 116 -6.22 5.77 4.83
C VAL A 116 -5.58 4.39 4.71
N ARG A 117 -6.31 3.42 4.15
CA ARG A 117 -5.76 2.04 4.02
CA ARG A 117 -5.85 2.01 3.95
C ARG A 117 -4.87 1.93 2.77
N ASP A 118 -3.73 1.29 2.97
CA ASP A 118 -2.76 0.97 1.88
C ASP A 118 -3.46 0.11 0.84
N ARG A 119 -3.21 0.37 -0.43
CA ARG A 119 -3.62 -0.50 -1.53
C ARG A 119 -2.34 -1.07 -2.14
N ASN A 120 -2.45 -2.25 -2.73
CA ASN A 120 -1.31 -2.88 -3.47
C ASN A 120 -1.29 -2.26 -4.86
N ASP A 121 -0.95 -0.99 -4.93
CA ASP A 121 -0.90 -0.21 -6.20
C ASP A 121 0.57 -0.09 -6.69
N ASN A 122 1.53 -0.71 -6.02
CA ASN A 122 2.95 -0.71 -6.49
C ASN A 122 3.47 -2.14 -6.63
N SER A 123 4.15 -2.36 -7.75
CA SER A 123 4.91 -3.57 -8.12
C SER A 123 6.31 -3.53 -7.53
N PRO A 124 6.90 -4.73 -7.27
CA PRO A 124 8.35 -4.86 -7.08
C PRO A 124 9.11 -4.33 -8.31
N THR A 125 10.10 -3.50 -8.06
CA THR A 125 10.97 -2.94 -9.12
C THR A 125 12.39 -3.33 -8.73
N PHE A 126 13.09 -3.94 -9.67
CA PHE A 126 14.52 -4.34 -9.56
C PHE A 126 15.39 -3.09 -9.72
N LYS A 127 16.45 -2.95 -8.90
CA LYS A 127 17.46 -1.87 -8.98
C LYS A 127 18.25 -1.91 -10.31
N HIS A 128 18.50 -3.07 -10.91
CA HIS A 128 19.24 -3.21 -12.18
C HIS A 128 18.37 -3.96 -13.20
N GLU A 129 18.65 -3.72 -14.47
CA GLU A 129 18.02 -4.39 -15.63
C GLU A 129 18.37 -5.89 -15.60
N SER A 130 19.55 -6.24 -15.05
CA SER A 130 20.11 -7.62 -15.07
C SER A 130 21.11 -7.84 -13.93
N TYR A 131 21.34 -9.12 -13.62
CA TYR A 131 22.30 -9.59 -12.60
C TYR A 131 23.20 -10.68 -13.21
N TYR A 132 24.35 -10.81 -12.59
CA TYR A 132 25.47 -11.63 -13.08
C TYR A 132 26.05 -12.38 -11.88
N ALA A 133 26.26 -13.66 -12.09
CA ALA A 133 27.03 -14.49 -11.14
C ALA A 133 27.98 -15.44 -11.89
N THR A 134 28.94 -15.92 -11.14
CA THR A 134 30.07 -16.73 -11.59
C THR A 134 30.11 -17.97 -10.72
N VAL A 135 30.31 -19.15 -11.29
CA VAL A 135 30.41 -20.42 -10.50
C VAL A 135 31.52 -21.29 -11.11
N ASN A 136 32.54 -21.64 -10.33
CA ASN A 136 33.49 -22.70 -10.72
C ASN A 136 32.69 -24.00 -10.86
N GLU A 137 32.89 -24.72 -11.96
CA GLU A 137 32.28 -26.04 -12.25
C GLU A 137 32.63 -27.08 -11.18
N LEU A 138 33.61 -26.84 -10.30
CA LEU A 138 33.90 -27.76 -9.18
C LEU A 138 33.09 -27.35 -7.93
N THR A 139 32.24 -26.34 -8.01
CA THR A 139 31.39 -25.92 -6.84
C THR A 139 30.45 -27.08 -6.47
N PRO A 140 30.45 -27.51 -5.19
CA PRO A 140 29.55 -28.56 -4.73
C PRO A 140 28.07 -28.15 -4.72
N VAL A 141 27.17 -29.05 -5.11
CA VAL A 141 25.71 -28.88 -4.91
C VAL A 141 25.49 -28.41 -3.46
N GLY A 142 24.57 -27.47 -3.25
CA GLY A 142 24.20 -26.90 -1.94
C GLY A 142 24.88 -25.58 -1.68
N THR A 143 25.91 -25.23 -2.45
CA THR A 143 26.62 -23.95 -2.28
C THR A 143 25.77 -22.78 -2.81
N THR A 144 25.85 -21.66 -2.08
CA THR A 144 25.19 -20.36 -2.38
C THR A 144 26.08 -19.71 -3.44
N ILE A 145 25.55 -19.39 -4.62
CA ILE A 145 26.38 -18.87 -5.77
C ILE A 145 25.95 -17.42 -6.08
N PHE A 146 24.84 -16.93 -5.52
CA PHE A 146 24.44 -15.52 -5.71
C PHE A 146 23.69 -14.97 -4.49
N THR A 147 24.13 -13.81 -4.01
CA THR A 147 23.58 -13.03 -2.88
C THR A 147 23.40 -11.56 -3.30
N GLY A 148 23.28 -11.32 -4.61
CA GLY A 148 23.28 -9.99 -5.23
C GLY A 148 22.08 -9.14 -4.83
N PHE A 149 21.05 -9.76 -4.20
CA PHE A 149 19.83 -9.03 -3.79
C PHE A 149 19.99 -8.33 -2.43
N SER A 150 21.02 -8.66 -1.65
CA SER A 150 21.28 -8.09 -0.28
C SER A 150 21.30 -6.56 -0.35
N GLY A 151 21.10 -5.87 0.79
CA GLY A 151 21.19 -4.39 0.90
C GLY A 151 20.27 -3.70 -0.10
N ASP A 152 19.09 -4.29 -0.35
CA ASP A 152 18.09 -3.68 -1.24
C ASP A 152 18.68 -3.52 -2.66
N ASN A 153 19.60 -4.40 -3.06
CA ASN A 153 20.20 -4.40 -4.42
C ASN A 153 19.29 -5.16 -5.39
N GLY A 154 18.29 -5.87 -4.89
CA GLY A 154 17.31 -6.54 -5.75
C GLY A 154 16.06 -5.71 -6.04
N ALA A 155 14.90 -6.33 -5.79
CA ALA A 155 13.56 -5.74 -5.90
C ALA A 155 13.22 -4.97 -4.62
N THR A 156 12.59 -3.81 -4.76
CA THR A 156 11.93 -3.10 -3.63
C THR A 156 10.49 -2.76 -4.04
N ASP A 157 9.65 -2.49 -3.07
CA ASP A 157 8.19 -2.26 -3.25
C ASP A 157 7.78 -1.19 -2.25
N ILE A 158 7.45 0.01 -2.73
CA ILE A 158 7.10 1.19 -1.87
C ILE A 158 5.81 0.96 -1.03
N ASP A 159 4.91 0.02 -1.33
CA ASP A 159 3.71 -0.21 -0.46
C ASP A 159 4.18 -0.61 0.94
N ASP A 160 3.27 -0.60 1.89
CA ASP A 160 3.51 -0.91 3.32
C ASP A 160 3.11 -2.36 3.63
N GLY A 161 3.64 -2.93 4.70
CA GLY A 161 3.27 -4.24 5.26
C GLY A 161 3.46 -5.37 4.25
N PRO A 162 2.60 -6.41 4.24
CA PRO A 162 2.63 -7.44 3.20
C PRO A 162 2.70 -6.94 1.75
N ASN A 163 1.98 -5.85 1.42
CA ASN A 163 1.91 -5.30 0.05
C ASN A 163 3.30 -4.91 -0.45
N GLY A 164 4.21 -4.59 0.47
CA GLY A 164 5.58 -4.13 0.19
C GLY A 164 6.65 -5.18 0.48
N GLN A 165 6.27 -6.42 0.80
CA GLN A 165 7.25 -7.47 1.15
C GLN A 165 7.47 -8.35 -0.08
N ILE A 166 8.71 -8.76 -0.33
CA ILE A 166 9.15 -9.44 -1.59
C ILE A 166 9.45 -10.93 -1.36
N GLU A 167 8.95 -11.75 -2.28
CA GLU A 167 9.26 -13.20 -2.42
C GLU A 167 9.92 -13.38 -3.78
N TYR A 168 10.97 -14.19 -3.85
CA TYR A 168 11.77 -14.41 -5.08
C TYR A 168 11.64 -15.88 -5.48
N VAL A 169 11.25 -16.17 -6.71
CA VAL A 169 10.93 -17.53 -7.19
C VAL A 169 11.53 -17.69 -8.60
N ILE A 170 12.29 -18.75 -8.82
CA ILE A 170 12.87 -19.05 -10.15
C ILE A 170 11.78 -19.62 -11.05
N GLN A 171 11.64 -19.05 -12.25
CA GLN A 171 10.65 -19.50 -13.26
C GLN A 171 11.31 -20.42 -14.29
N TYR A 172 10.50 -21.25 -14.93
CA TYR A 172 10.89 -22.01 -16.13
C TYR A 172 11.26 -20.99 -17.22
N ASN A 173 12.45 -21.13 -17.82
CA ASN A 173 12.93 -20.28 -18.94
C ASN A 173 12.86 -21.10 -20.23
N PRO A 174 11.89 -20.84 -21.15
CA PRO A 174 11.83 -21.61 -22.39
C PRO A 174 13.09 -21.44 -23.27
N GLU A 175 13.84 -20.33 -23.12
CA GLU A 175 15.11 -20.11 -23.87
C GLU A 175 16.25 -20.93 -23.22
N ASP A 176 16.15 -21.27 -21.91
CA ASP A 176 17.15 -22.06 -21.15
C ASP A 176 16.47 -23.05 -20.19
N PRO A 177 15.83 -24.12 -20.72
CA PRO A 177 15.01 -25.05 -19.92
C PRO A 177 15.68 -25.72 -18.71
N THR A 178 16.99 -25.91 -18.72
CA THR A 178 17.67 -26.63 -17.61
C THR A 178 18.00 -25.64 -16.49
N SER A 179 17.87 -24.34 -16.73
CA SER A 179 18.29 -23.33 -15.73
C SER A 179 17.49 -23.50 -14.43
N ASN A 180 16.17 -23.72 -14.48
CA ASN A 180 15.33 -23.88 -13.26
C ASN A 180 15.50 -25.28 -12.60
N ASP A 181 16.20 -26.22 -13.24
CA ASP A 181 16.55 -27.53 -12.62
C ASP A 181 17.90 -27.37 -11.91
N THR A 182 18.75 -26.45 -12.34
CA THR A 182 20.17 -26.36 -11.92
C THR A 182 20.33 -25.41 -10.73
N PHE A 183 19.46 -24.41 -10.58
CA PHE A 183 19.52 -23.40 -9.50
C PHE A 183 18.16 -23.30 -8.83
N GLU A 184 18.16 -23.07 -7.52
CA GLU A 184 16.94 -22.89 -6.70
C GLU A 184 17.16 -21.73 -5.73
N ILE A 185 16.05 -21.10 -5.32
CA ILE A 185 16.00 -20.12 -4.19
C ILE A 185 15.26 -20.81 -3.06
N PRO A 186 15.97 -21.53 -2.16
CA PRO A 186 15.30 -22.25 -1.07
C PRO A 186 14.62 -21.29 -0.06
N LEU A 187 15.14 -20.08 0.12
CA LEU A 187 14.62 -19.02 1.04
C LEU A 187 14.13 -17.81 0.23
N MET A 188 12.85 -17.79 -0.13
CA MET A 188 12.27 -16.86 -1.12
C MET A 188 12.33 -15.41 -0.60
N LEU A 189 12.57 -15.17 0.70
CA LEU A 189 12.64 -13.77 1.20
C LEU A 189 14.06 -13.19 1.05
N THR A 190 15.11 -14.00 0.88
CA THR A 190 16.49 -13.47 0.61
C THR A 190 16.75 -13.42 -0.89
N GLY A 191 16.21 -14.37 -1.65
CA GLY A 191 16.52 -14.55 -3.09
C GLY A 191 17.97 -14.92 -3.36
N ASN A 192 18.66 -15.47 -2.37
CA ASN A 192 20.00 -16.11 -2.53
C ASN A 192 19.82 -17.36 -3.39
N VAL A 193 20.66 -17.53 -4.39
CA VAL A 193 20.52 -18.66 -5.35
C VAL A 193 21.54 -19.73 -4.96
N VAL A 194 21.07 -20.97 -4.91
CA VAL A 194 21.85 -22.16 -4.53
C VAL A 194 21.95 -23.10 -5.74
N LEU A 195 23.10 -23.76 -5.89
CA LEU A 195 23.31 -24.79 -6.94
C LEU A 195 22.59 -26.10 -6.58
N ARG A 196 21.76 -26.63 -7.48
CA ARG A 196 20.95 -27.86 -7.27
C ARG A 196 21.56 -29.05 -8.03
N LYS A 197 22.26 -28.85 -9.13
CA LYS A 197 22.87 -29.94 -9.94
C LYS A 197 24.32 -29.60 -10.26
N ARG A 198 25.16 -30.62 -10.52
CA ARG A 198 26.60 -30.48 -10.85
C ARG A 198 26.71 -29.72 -12.17
N LEU A 199 27.66 -28.81 -12.25
CA LEU A 199 27.98 -28.06 -13.50
C LEU A 199 29.06 -28.82 -14.26
N ASN A 200 29.14 -28.59 -15.56
CA ASN A 200 30.18 -29.15 -16.45
C ASN A 200 30.42 -28.12 -17.56
N TYR A 201 31.53 -27.37 -17.48
CA TYR A 201 31.93 -26.36 -18.48
C TYR A 201 31.80 -26.92 -19.90
N GLU A 202 32.21 -28.18 -20.12
CA GLU A 202 32.32 -28.83 -21.46
C GLU A 202 30.92 -29.07 -22.05
N ASP A 203 29.87 -29.17 -21.22
CA ASP A 203 28.46 -29.32 -21.67
C ASP A 203 27.80 -27.96 -21.84
N LYS A 204 27.98 -27.05 -20.87
CA LYS A 204 27.27 -25.75 -20.82
C LYS A 204 28.06 -24.72 -20.02
N THR A 205 28.34 -23.57 -20.65
CA THR A 205 29.21 -22.52 -20.08
C THR A 205 28.36 -21.38 -19.49
N ARG A 206 27.08 -21.31 -19.81
CA ARG A 206 26.26 -20.11 -19.45
C ARG A 206 24.81 -20.53 -19.22
N TYR A 207 24.22 -20.08 -18.12
CA TYR A 207 22.77 -20.19 -17.83
C TYR A 207 22.12 -18.82 -17.70
N TYR A 208 20.86 -18.77 -18.10
CA TYR A 208 19.91 -17.64 -18.06
C TYR A 208 18.74 -18.03 -17.11
N VAL A 209 18.80 -17.51 -15.90
CA VAL A 209 17.88 -17.83 -14.79
C VAL A 209 16.88 -16.68 -14.66
N ILE A 210 15.60 -16.97 -14.95
CA ILE A 210 14.45 -16.07 -14.77
C ILE A 210 14.06 -16.14 -13.29
N ILE A 211 14.18 -15.00 -12.62
CA ILE A 211 13.72 -14.80 -11.23
C ILE A 211 12.54 -13.84 -11.25
N GLN A 212 11.44 -14.27 -10.65
CA GLN A 212 10.25 -13.44 -10.49
C GLN A 212 10.20 -13.00 -9.03
N ALA A 213 10.05 -11.71 -8.81
CA ALA A 213 9.74 -11.10 -7.49
C ALA A 213 8.24 -10.86 -7.43
N ASN A 214 7.59 -11.30 -6.36
CA ASN A 214 6.15 -10.99 -6.08
C ASN A 214 6.03 -10.35 -4.70
N ASP A 215 5.13 -9.38 -4.54
CA ASP A 215 4.78 -8.85 -3.20
C ASP A 215 3.85 -9.85 -2.49
N ARG A 216 3.64 -9.71 -1.19
CA ARG A 216 2.87 -10.71 -0.41
C ARG A 216 1.52 -10.18 0.04
N ALA A 217 0.79 -9.44 -0.82
CA ALA A 217 -0.64 -9.08 -0.66
C ALA A 217 -1.43 -10.29 -0.16
N GLN A 218 -2.39 -10.07 0.74
CA GLN A 218 -3.11 -11.16 1.44
C GLN A 218 -4.09 -11.80 0.46
N ASN A 219 -4.60 -11.05 -0.51
CA ASN A 219 -5.38 -11.63 -1.62
C ASN A 219 -4.43 -12.00 -2.76
N LEU A 220 -4.30 -13.30 -3.07
CA LEU A 220 -3.36 -13.87 -4.06
C LEU A 220 -3.54 -13.22 -5.43
N ASN A 221 -4.77 -12.93 -5.87
CA ASN A 221 -4.99 -12.35 -7.23
C ASN A 221 -4.90 -10.80 -7.17
N GLU A 222 -4.43 -10.23 -6.06
CA GLU A 222 -4.01 -8.80 -6.02
C GLU A 222 -2.47 -8.66 -6.06
N ARG A 223 -1.72 -9.76 -5.96
CA ARG A 223 -0.22 -9.76 -5.91
C ARG A 223 0.35 -9.18 -7.20
N ARG A 224 1.36 -8.33 -7.12
CA ARG A 224 2.04 -7.77 -8.30
C ARG A 224 3.40 -8.46 -8.44
N THR A 225 3.90 -8.64 -9.65
CA THR A 225 5.11 -9.45 -9.94
C THR A 225 5.98 -8.71 -10.95
N THR A 226 7.28 -8.91 -10.84
CA THR A 226 8.28 -8.40 -11.80
C THR A 226 9.34 -9.47 -12.00
N THR A 227 10.01 -9.41 -13.14
CA THR A 227 10.95 -10.43 -13.63
C THR A 227 12.32 -9.80 -13.82
N THR A 228 13.37 -10.55 -13.50
CA THR A 228 14.75 -10.22 -13.91
C THR A 228 15.41 -11.49 -14.43
N THR A 229 16.54 -11.34 -15.12
CA THR A 229 17.43 -12.43 -15.57
C THR A 229 18.70 -12.33 -14.75
N LEU A 230 19.04 -13.43 -14.05
CA LEU A 230 20.40 -13.70 -13.53
C LEU A 230 21.17 -14.53 -14.59
N THR A 231 22.12 -13.90 -15.28
CA THR A 231 23.10 -14.65 -16.09
C THR A 231 24.12 -15.34 -15.16
N VAL A 232 24.27 -16.66 -15.30
CA VAL A 232 25.28 -17.46 -14.54
C VAL A 232 26.32 -18.01 -15.52
N ASP A 233 27.57 -17.61 -15.32
CA ASP A 233 28.73 -18.06 -16.12
C ASP A 233 29.46 -19.15 -15.35
N VAL A 234 29.73 -20.25 -16.04
CA VAL A 234 30.57 -21.38 -15.56
C VAL A 234 32.04 -21.06 -15.87
N LEU A 235 32.87 -21.21 -14.84
CA LEU A 235 34.36 -21.12 -14.89
C LEU A 235 34.92 -22.54 -14.87
N ASP A 236 35.98 -22.85 -15.64
CA ASP A 236 36.63 -24.20 -15.63
C ASP A 236 37.73 -24.24 -14.56
CA CA B . -0.23 4.84 -3.73
CA CA C . 0.05 1.51 -1.65
CA CA D . 3.23 -3.83 -3.73
#